data_9F4X
#
_entry.id   9F4X
#
_cell.length_a   38.063
_cell.length_b   43.855
_cell.length_c   55.951
_cell.angle_alpha   90.000
_cell.angle_beta   93.900
_cell.angle_gamma   90.000
#
_symmetry.space_group_name_H-M   'P 1 21 1'
#
loop_
_entity.id
_entity.type
_entity.pdbx_description
1 polymer 'Heterogeneous nuclear ribonucleoprotein A1, N-terminally processed'
2 non-polymer ~{N}-[2-(5-fluoranyl-1~{H}-indol-3-yl)ethyl]ethanamide
3 water water
#
_entity_poly.entity_id   1
_entity_poly.type   'polypeptide(L)'
_entity_poly.pdbx_seq_one_letter_code
;GPMGSKSESPKEPEQLRKLFIGGLSFETTDESLRSHFEQWGTLTDCVVMRDPNTKRSRGFGFVTYATVEEVDAAMNARPH
KVDGRVVEPKRAVSREDSQRPGAHLTVKKIFVGGIKEDTEEHHLRDYFEQYGKIEVIEIMTDRGSGKKRGFAFVTFDDHD
SVDKIVIQKYHTVNGHNCEVRKALSKQEMASASSSQRG
;
_entity_poly.pdbx_strand_id   A
#
# COMPACT_ATOMS: atom_id res chain seq x y z
N LYS A 11 12.32 -9.01 -14.13
CA LYS A 11 11.91 -9.10 -12.74
C LYS A 11 11.71 -7.69 -12.19
N GLU A 12 10.60 -7.48 -11.48
CA GLU A 12 10.35 -6.21 -10.82
C GLU A 12 11.47 -5.94 -9.82
N PRO A 13 11.78 -4.67 -9.54
CA PRO A 13 12.77 -4.36 -8.51
C PRO A 13 12.44 -5.04 -7.18
N GLU A 14 13.47 -5.63 -6.57
CA GLU A 14 13.30 -6.34 -5.30
C GLU A 14 12.61 -5.48 -4.24
N GLN A 15 12.94 -4.19 -4.17
CA GLN A 15 12.32 -3.33 -3.15
C GLN A 15 10.81 -3.36 -3.24
N LEU A 16 10.26 -3.53 -4.43
CA LEU A 16 8.83 -3.49 -4.63
C LEU A 16 8.18 -4.84 -4.41
N ARG A 17 8.97 -5.87 -4.12
CA ARG A 17 8.47 -7.21 -3.85
C ARG A 17 8.56 -7.57 -2.38
N LYS A 18 8.94 -6.62 -1.53
CA LYS A 18 9.17 -6.88 -0.12
C LYS A 18 7.93 -6.50 0.69
N LEU A 19 7.67 -7.25 1.74
CA LEU A 19 6.67 -6.86 2.73
C LEU A 19 7.39 -6.81 4.06
N PHE A 20 7.31 -5.67 4.72
CA PHE A 20 7.87 -5.52 6.05
C PHE A 20 6.78 -5.83 7.06
N ILE A 21 7.06 -6.75 7.97
CA ILE A 21 6.04 -7.32 8.84
C ILE A 21 6.32 -6.89 10.27
N GLY A 22 5.47 -6.01 10.80
CA GLY A 22 5.57 -5.60 12.18
C GLY A 22 4.63 -6.37 13.09
N GLY A 23 4.88 -6.26 14.39
CA GLY A 23 3.99 -6.86 15.35
C GLY A 23 4.11 -8.36 15.48
N LEU A 24 5.25 -8.94 15.14
CA LEU A 24 5.40 -10.38 15.22
C LEU A 24 5.36 -10.85 16.66
N SER A 25 4.83 -12.06 16.85
CA SER A 25 5.14 -12.82 18.04
C SER A 25 6.64 -13.01 18.16
N PHE A 26 7.16 -12.87 19.38
CA PHE A 26 8.58 -13.13 19.59
C PHE A 26 8.95 -14.58 19.34
N GLU A 27 7.98 -15.49 19.28
CA GLU A 27 8.29 -16.88 18.99
C GLU A 27 8.26 -17.19 17.49
N THR A 28 7.87 -16.24 16.64
CA THR A 28 7.94 -16.47 15.20
C THR A 28 9.39 -16.57 14.74
N THR A 29 9.64 -17.53 13.86
CA THR A 29 10.98 -17.79 13.32
C THR A 29 10.99 -17.57 11.82
N ASP A 30 12.20 -17.53 11.25
CA ASP A 30 12.32 -17.49 9.79
C ASP A 30 11.44 -18.56 9.16
N GLU A 31 11.47 -19.77 9.73
CA GLU A 31 10.73 -20.88 9.15
C GLU A 31 9.23 -20.70 9.29
N SER A 32 8.75 -20.22 10.45
CA SER A 32 7.29 -20.14 10.61
C SER A 32 6.73 -18.93 9.86
N LEU A 33 7.50 -17.84 9.79
CA LEU A 33 7.10 -16.70 8.97
C LEU A 33 7.02 -17.11 7.50
N ARG A 34 7.98 -17.92 7.05
CA ARG A 34 8.00 -18.37 5.66
C ARG A 34 6.82 -19.28 5.36
N SER A 35 6.58 -20.29 6.21
CA SER A 35 5.47 -21.21 5.94
C SER A 35 4.14 -20.47 5.88
N HIS A 36 3.99 -19.42 6.69
CA HIS A 36 2.77 -18.64 6.63
C HIS A 36 2.65 -17.90 5.30
N PHE A 37 3.64 -17.07 4.96
CA PHE A 37 3.46 -16.19 3.81
C PHE A 37 3.66 -16.89 2.47
N GLU A 38 4.21 -18.11 2.47
CA GLU A 38 4.27 -18.87 1.23
C GLU A 38 2.89 -19.27 0.74
N GLN A 39 1.84 -19.06 1.55
CA GLN A 39 0.49 -19.34 1.04
C GLN A 39 0.12 -18.43 -0.11
N TRP A 40 0.76 -17.26 -0.24
CA TRP A 40 0.35 -16.30 -1.26
C TRP A 40 1.41 -16.06 -2.33
N GLY A 41 2.49 -16.82 -2.33
CA GLY A 41 3.43 -16.76 -3.43
C GLY A 41 4.77 -17.33 -3.05
N THR A 42 5.65 -17.36 -4.04
CA THR A 42 7.02 -17.83 -3.87
C THR A 42 7.83 -16.79 -3.11
N LEU A 43 8.47 -17.20 -2.02
CA LEU A 43 9.32 -16.30 -1.24
C LEU A 43 10.78 -16.52 -1.56
N THR A 44 11.44 -15.48 -2.06
CA THR A 44 12.87 -15.56 -2.31
C THR A 44 13.70 -15.19 -1.09
N ASP A 45 13.07 -14.63 -0.05
CA ASP A 45 13.78 -14.24 1.16
C ASP A 45 12.76 -14.14 2.28
N CYS A 46 13.19 -14.39 3.51
CA CYS A 46 12.30 -14.35 4.66
C CYS A 46 13.17 -14.29 5.91
N VAL A 47 13.10 -13.18 6.65
CA VAL A 47 13.98 -12.93 7.80
C VAL A 47 13.16 -12.41 8.97
N VAL A 48 13.39 -12.97 10.15
CA VAL A 48 12.96 -12.37 11.40
C VAL A 48 14.15 -11.63 11.98
N MET A 49 13.96 -10.34 12.29
CA MET A 49 15.04 -9.55 12.89
C MET A 49 15.23 -9.93 14.34
N ARG A 50 16.48 -10.13 14.75
CA ARG A 50 16.81 -10.58 16.09
C ARG A 50 17.93 -9.72 16.65
N ASP A 51 18.00 -9.68 17.98
CA ASP A 51 19.12 -9.04 18.64
C ASP A 51 20.42 -9.77 18.32
N PRO A 52 21.51 -9.06 18.03
CA PRO A 52 22.77 -9.74 17.69
C PRO A 52 23.41 -10.49 18.84
N ASN A 53 23.11 -10.14 20.09
CA ASN A 53 23.74 -10.80 21.24
C ASN A 53 22.83 -11.84 21.89
N THR A 54 21.57 -11.49 22.14
CA THR A 54 20.65 -12.38 22.83
C THR A 54 19.92 -13.35 21.91
N LYS A 55 19.88 -13.06 20.60
CA LYS A 55 19.07 -13.76 19.60
C LYS A 55 17.57 -13.62 19.85
N ARG A 56 17.16 -12.81 20.82
CA ARG A 56 15.74 -12.60 21.04
C ARG A 56 15.16 -11.78 19.91
N SER A 57 14.00 -12.21 19.42
CA SER A 57 13.31 -11.51 18.35
C SER A 57 13.13 -10.03 18.67
N ARG A 58 13.24 -9.21 17.63
CA ARG A 58 12.90 -7.80 17.72
C ARG A 58 11.45 -7.55 17.35
N GLY A 59 10.69 -8.59 17.04
CA GLY A 59 9.26 -8.42 16.83
C GLY A 59 8.88 -7.95 15.45
N PHE A 60 9.80 -7.99 14.50
CA PHE A 60 9.48 -7.62 13.13
C PHE A 60 10.43 -8.35 12.20
N GLY A 61 10.06 -8.35 10.91
CA GLY A 61 10.87 -9.00 9.90
C GLY A 61 10.41 -8.57 8.54
N PHE A 62 10.89 -9.26 7.51
CA PHE A 62 10.38 -9.00 6.17
C PHE A 62 10.35 -10.29 5.36
N VAL A 63 9.56 -10.27 4.30
CA VAL A 63 9.55 -11.35 3.31
C VAL A 63 9.69 -10.72 1.94
N THR A 64 10.26 -11.47 1.00
CA THR A 64 10.40 -10.99 -0.37
C THR A 64 9.73 -12.00 -1.30
N TYR A 65 8.72 -11.55 -2.02
CA TYR A 65 8.04 -12.40 -3.00
C TYR A 65 8.74 -12.35 -4.36
N ALA A 66 8.42 -13.32 -5.20
CA ALA A 66 8.99 -13.35 -6.55
C ALA A 66 8.39 -12.28 -7.46
N THR A 67 7.14 -11.87 -7.22
CA THR A 67 6.45 -10.91 -8.08
C THR A 67 5.62 -9.96 -7.24
N VAL A 68 5.32 -8.81 -7.86
CA VAL A 68 4.45 -7.82 -7.22
C VAL A 68 3.03 -8.36 -7.08
N GLU A 69 2.55 -9.15 -8.06
CA GLU A 69 1.21 -9.70 -7.89
C GLU A 69 1.12 -10.55 -6.65
N GLU A 70 2.21 -11.21 -6.27
CA GLU A 70 2.21 -12.00 -5.05
C GLU A 70 2.14 -11.10 -3.81
N VAL A 71 2.85 -9.96 -3.84
CA VAL A 71 2.70 -9.00 -2.74
C VAL A 71 1.25 -8.58 -2.60
N ASP A 72 0.61 -8.26 -3.74
CA ASP A 72 -0.79 -7.88 -3.73
C ASP A 72 -1.64 -8.97 -3.10
N ALA A 73 -1.39 -10.22 -3.46
CA ALA A 73 -2.19 -11.33 -2.94
C ALA A 73 -2.04 -11.43 -1.43
N ALA A 74 -0.82 -11.27 -0.94
CA ALA A 74 -0.60 -11.30 0.49
C ALA A 74 -1.31 -10.14 1.17
N MET A 75 -1.25 -8.95 0.56
CA MET A 75 -1.91 -7.84 1.23
C MET A 75 -3.43 -7.99 1.18
N ASN A 76 -3.96 -8.60 0.12
CA ASN A 76 -5.41 -8.79 0.06
C ASN A 76 -5.90 -9.86 1.03
N ALA A 77 -5.00 -10.69 1.56
CA ALA A 77 -5.34 -11.72 2.54
C ALA A 77 -5.21 -11.26 3.98
N ARG A 78 -4.90 -9.97 4.22
CA ARG A 78 -4.99 -9.43 5.55
C ARG A 78 -6.42 -9.55 6.07
N PRO A 79 -6.61 -9.63 7.40
CA PRO A 79 -5.59 -9.67 8.45
C PRO A 79 -4.85 -11.00 8.50
N HIS A 80 -3.55 -10.92 8.74
CA HIS A 80 -2.71 -12.09 8.91
C HIS A 80 -2.47 -12.36 10.38
N LYS A 81 -2.89 -13.54 10.83
CA LYS A 81 -2.57 -14.02 12.17
C LYS A 81 -1.44 -15.03 12.02
N VAL A 82 -0.25 -14.67 12.51
CA VAL A 82 0.95 -15.48 12.35
C VAL A 82 1.36 -15.96 13.72
N ASP A 83 1.36 -17.28 13.91
CA ASP A 83 1.73 -17.87 15.21
C ASP A 83 0.89 -17.27 16.34
N GLY A 84 -0.41 -17.04 16.06
CA GLY A 84 -1.34 -16.61 17.09
C GLY A 84 -1.50 -15.12 17.28
N ARG A 85 -0.77 -14.29 16.54
CA ARG A 85 -0.80 -12.85 16.73
C ARG A 85 -1.08 -12.16 15.40
N VAL A 86 -1.95 -11.16 15.42
CA VAL A 86 -2.22 -10.41 14.19
C VAL A 86 -1.04 -9.49 13.93
N VAL A 87 -0.45 -9.59 12.73
CA VAL A 87 0.74 -8.84 12.41
C VAL A 87 0.38 -7.69 11.47
N GLU A 88 1.36 -6.86 11.12
CA GLU A 88 1.10 -5.66 10.34
C GLU A 88 2.05 -5.63 9.16
N PRO A 89 1.63 -6.14 7.99
CA PRO A 89 2.49 -6.07 6.81
C PRO A 89 2.31 -4.76 6.08
N LYS A 90 3.43 -4.23 5.59
CA LYS A 90 3.45 -2.99 4.82
C LYS A 90 4.47 -3.10 3.71
N ARG A 91 4.14 -2.53 2.56
CA ARG A 91 5.06 -2.37 1.47
C ARG A 91 6.17 -1.38 1.83
N ALA A 92 7.22 -1.38 1.01
CA ALA A 92 8.36 -0.48 1.24
C ALA A 92 7.95 0.98 1.27
N LEU A 105 5.54 6.45 6.15
CA LEU A 105 4.46 7.41 6.23
C LEU A 105 3.14 6.75 5.82
N THR A 106 2.39 6.28 6.80
CA THR A 106 1.25 5.40 6.56
C THR A 106 -0.03 6.23 6.61
N VAL A 107 -0.58 6.55 5.44
CA VAL A 107 -1.77 7.37 5.36
C VAL A 107 -2.76 6.72 4.41
N LYS A 108 -3.99 7.22 4.44
CA LYS A 108 -5.08 6.66 3.67
C LYS A 108 -5.60 7.64 2.61
N LYS A 109 -4.91 8.76 2.40
CA LYS A 109 -5.44 9.84 1.59
C LYS A 109 -4.36 10.31 0.61
N ILE A 110 -4.79 10.61 -0.63
CA ILE A 110 -3.88 11.09 -1.65
C ILE A 110 -4.35 12.43 -2.18
N PHE A 111 -3.37 13.22 -2.60
CA PHE A 111 -3.55 14.39 -3.44
C PHE A 111 -3.46 13.96 -4.90
N VAL A 112 -4.39 14.43 -5.73
CA VAL A 112 -4.40 14.16 -7.16
C VAL A 112 -4.40 15.51 -7.88
N GLY A 113 -3.30 15.83 -8.56
CA GLY A 113 -3.19 17.12 -9.23
C GLY A 113 -3.14 17.00 -10.74
N GLY A 114 -3.47 18.09 -11.41
CA GLY A 114 -3.43 18.12 -12.86
C GLY A 114 -4.67 17.62 -13.55
N ILE A 115 -5.82 17.58 -12.86
CA ILE A 115 -7.04 17.06 -13.44
C ILE A 115 -7.85 18.13 -14.16
N LYS A 116 -7.43 19.39 -14.09
CA LYS A 116 -8.00 20.51 -14.84
C LYS A 116 -9.46 20.69 -14.39
N GLU A 117 -10.31 21.21 -15.30
CA GLU A 117 -11.67 21.58 -14.96
C GLU A 117 -12.71 20.55 -15.41
N ASP A 118 -12.34 19.63 -16.29
CA ASP A 118 -13.31 18.70 -16.85
C ASP A 118 -13.35 17.34 -16.16
N THR A 119 -12.52 17.12 -15.14
CA THR A 119 -12.52 15.86 -14.43
C THR A 119 -13.56 15.86 -13.32
N GLU A 120 -14.39 14.82 -13.30
CA GLU A 120 -15.52 14.68 -12.39
C GLU A 120 -15.27 13.53 -11.43
N GLU A 121 -16.21 13.39 -10.47
CA GLU A 121 -16.08 12.35 -9.46
C GLU A 121 -15.93 10.96 -10.08
N HIS A 122 -16.75 10.65 -11.08
CA HIS A 122 -16.79 9.30 -11.63
C HIS A 122 -15.49 8.92 -12.34
N HIS A 123 -14.80 9.90 -12.96
CA HIS A 123 -13.49 9.63 -13.54
C HIS A 123 -12.51 9.15 -12.46
N LEU A 124 -12.45 9.90 -11.36
CA LEU A 124 -11.57 9.56 -10.26
C LEU A 124 -11.98 8.26 -9.60
N ARG A 125 -13.28 8.05 -9.41
CA ARG A 125 -13.75 6.83 -8.76
C ARG A 125 -13.47 5.59 -9.60
N ASP A 126 -13.79 5.64 -10.90
CA ASP A 126 -13.64 4.46 -11.73
C ASP A 126 -12.19 4.00 -11.80
N TYR A 127 -11.26 4.96 -11.77
CA TYR A 127 -9.84 4.61 -11.78
C TYR A 127 -9.35 4.18 -10.40
N PHE A 128 -9.55 5.01 -9.38
CA PHE A 128 -8.92 4.72 -8.11
C PHE A 128 -9.60 3.58 -7.33
N GLU A 129 -10.85 3.24 -7.65
CA GLU A 129 -11.50 2.14 -6.95
C GLU A 129 -10.80 0.81 -7.19
N GLN A 130 -10.00 0.73 -8.25
CA GLN A 130 -9.25 -0.47 -8.52
C GLN A 130 -7.99 -0.58 -7.69
N TYR A 131 -7.65 0.45 -6.91
CA TYR A 131 -6.56 0.39 -5.96
C TYR A 131 -7.02 0.07 -4.54
N GLY A 132 -8.26 0.38 -4.23
CA GLY A 132 -8.79 0.09 -2.92
C GLY A 132 -10.16 0.69 -2.78
N LYS A 133 -10.73 0.51 -1.60
CA LYS A 133 -12.10 0.93 -1.34
C LYS A 133 -12.09 2.41 -0.99
N ILE A 134 -12.83 3.21 -1.76
CA ILE A 134 -12.86 4.66 -1.60
C ILE A 134 -13.93 5.03 -0.57
N GLU A 135 -13.56 5.93 0.34
CA GLU A 135 -14.52 6.50 1.28
C GLU A 135 -14.88 7.95 1.00
N VAL A 136 -13.96 8.76 0.50
CA VAL A 136 -14.22 10.18 0.21
C VAL A 136 -13.54 10.56 -1.10
N ILE A 137 -14.26 11.24 -1.98
CA ILE A 137 -13.66 11.97 -3.09
C ILE A 137 -14.02 13.44 -2.94
N GLU A 138 -13.00 14.29 -2.94
CA GLU A 138 -13.16 15.73 -2.72
C GLU A 138 -12.51 16.46 -3.90
N ILE A 139 -13.33 16.91 -4.84
CA ILE A 139 -12.87 17.72 -5.96
C ILE A 139 -12.86 19.17 -5.52
N MET A 140 -11.70 19.79 -5.59
CA MET A 140 -11.49 21.10 -4.97
C MET A 140 -11.97 22.23 -5.86
N THR A 141 -12.65 23.19 -5.26
CA THR A 141 -13.19 24.33 -5.96
C THR A 141 -12.73 25.61 -5.28
N ASP A 142 -12.75 26.68 -6.05
CA ASP A 142 -12.30 27.97 -5.56
C ASP A 142 -13.29 28.51 -4.53
N ARG A 143 -12.75 28.97 -3.40
CA ARG A 143 -13.57 29.42 -2.27
C ARG A 143 -14.40 30.63 -2.65
N GLY A 144 -13.95 31.40 -3.62
CA GLY A 144 -14.65 32.61 -4.02
C GLY A 144 -15.59 32.40 -5.19
N SER A 145 -15.14 31.68 -6.22
CA SER A 145 -15.88 31.60 -7.49
C SER A 145 -16.61 30.28 -7.67
N GLY A 146 -16.26 29.24 -6.92
CA GLY A 146 -16.82 27.93 -7.17
C GLY A 146 -16.18 27.16 -8.33
N LYS A 147 -15.25 27.75 -9.05
CA LYS A 147 -14.65 27.06 -10.18
C LYS A 147 -13.71 25.96 -9.71
N LYS A 148 -13.61 24.92 -10.52
CA LYS A 148 -12.71 23.83 -10.17
C LYS A 148 -11.27 24.28 -10.23
N ARG A 149 -10.47 23.86 -9.24
CA ARG A 149 -9.08 24.28 -9.17
C ARG A 149 -8.14 23.30 -9.86
N GLY A 150 -8.61 22.13 -10.23
CA GLY A 150 -7.78 21.18 -10.94
C GLY A 150 -7.04 20.20 -10.07
N PHE A 151 -7.49 19.98 -8.84
CA PHE A 151 -6.92 18.91 -8.01
C PHE A 151 -7.99 18.39 -7.08
N ALA A 152 -7.72 17.24 -6.48
CA ALA A 152 -8.70 16.53 -5.69
C ALA A 152 -7.97 15.73 -4.62
N PHE A 153 -8.74 15.28 -3.63
CA PHE A 153 -8.24 14.36 -2.62
C PHE A 153 -9.12 13.12 -2.63
N VAL A 154 -8.50 11.95 -2.49
CA VAL A 154 -9.22 10.69 -2.41
C VAL A 154 -8.78 10.01 -1.13
N THR A 155 -9.75 9.63 -0.30
CA THR A 155 -9.51 8.92 0.95
C THR A 155 -9.99 7.48 0.82
N PHE A 156 -9.14 6.54 1.18
CA PHE A 156 -9.43 5.11 1.09
C PHE A 156 -9.64 4.54 2.49
N ASP A 157 -10.14 3.31 2.56
CA ASP A 157 -10.31 2.68 3.88
C ASP A 157 -9.05 2.06 4.42
N ASP A 158 -7.93 2.12 3.70
CA ASP A 158 -6.74 1.38 4.09
C ASP A 158 -5.53 1.94 3.35
N HIS A 159 -4.38 1.88 4.02
CA HIS A 159 -3.16 2.49 3.51
C HIS A 159 -2.55 1.77 2.31
N ASP A 160 -2.84 0.47 2.10
CA ASP A 160 -2.11 -0.21 1.03
C ASP A 160 -2.51 0.34 -0.32
N SER A 161 -3.74 0.82 -0.45
N SER A 161 -3.74 0.86 -0.43
CA SER A 161 -4.16 1.48 -1.68
CA SER A 161 -4.18 1.48 -1.68
C SER A 161 -3.23 2.62 -2.03
C SER A 161 -3.28 2.65 -2.05
N VAL A 162 -3.01 3.52 -1.06
CA VAL A 162 -2.12 4.65 -1.28
C VAL A 162 -0.71 4.17 -1.59
N ASP A 163 -0.24 3.15 -0.88
CA ASP A 163 1.12 2.69 -1.11
C ASP A 163 1.30 2.15 -2.52
N LYS A 164 0.30 1.43 -3.04
CA LYS A 164 0.35 0.98 -4.43
C LYS A 164 0.33 2.17 -5.39
N ILE A 165 -0.48 3.18 -5.07
CA ILE A 165 -0.65 4.30 -5.98
C ILE A 165 0.65 5.09 -6.13
N VAL A 166 1.31 5.40 -5.01
CA VAL A 166 2.40 6.38 -5.09
C VAL A 166 3.70 5.81 -5.62
N ILE A 167 3.82 4.48 -5.74
CA ILE A 167 5.01 3.92 -6.36
C ILE A 167 4.89 3.80 -7.87
N GLN A 168 3.72 4.05 -8.44
CA GLN A 168 3.59 4.07 -9.89
C GLN A 168 4.28 5.30 -10.46
N LYS A 169 4.94 5.14 -11.62
CA LYS A 169 5.52 6.31 -12.28
C LYS A 169 4.46 7.23 -12.86
N TYR A 170 3.32 6.67 -13.28
CA TYR A 170 2.35 7.41 -14.07
C TYR A 170 0.94 7.14 -13.55
N HIS A 171 0.10 8.16 -13.62
CA HIS A 171 -1.35 8.03 -13.42
C HIS A 171 -2.06 8.83 -14.50
N THR A 172 -2.89 8.14 -15.27
CA THR A 172 -3.67 8.74 -16.35
C THR A 172 -5.14 8.62 -16.00
N VAL A 173 -5.81 9.77 -15.87
CA VAL A 173 -7.22 9.86 -15.51
C VAL A 173 -7.87 10.90 -16.40
N ASN A 174 -8.96 10.51 -17.08
CA ASN A 174 -9.69 11.45 -17.94
C ASN A 174 -8.75 12.04 -18.99
N GLY A 175 -7.83 11.23 -19.49
CA GLY A 175 -6.86 11.67 -20.47
C GLY A 175 -5.72 12.52 -19.95
N HIS A 176 -5.73 12.85 -18.66
CA HIS A 176 -4.75 13.75 -18.06
C HIS A 176 -3.65 12.93 -17.40
N ASN A 177 -2.39 13.33 -17.58
CA ASN A 177 -1.31 12.79 -16.75
C ASN A 177 -1.28 13.51 -15.42
N CYS A 178 -1.55 12.79 -14.34
CA CYS A 178 -1.77 13.38 -13.03
C CYS A 178 -0.56 13.23 -12.14
N GLU A 179 -0.41 14.19 -11.22
CA GLU A 179 0.54 14.13 -10.12
C GLU A 179 -0.19 13.61 -8.89
N VAL A 180 0.32 12.52 -8.31
CA VAL A 180 -0.35 11.92 -7.15
C VAL A 180 0.67 11.77 -6.03
N ARG A 181 0.30 12.20 -4.83
CA ARG A 181 1.17 12.03 -3.68
C ARG A 181 0.34 11.82 -2.44
N LYS A 182 1.01 11.37 -1.38
CA LYS A 182 0.35 11.18 -0.10
C LYS A 182 -0.11 12.53 0.45
N ALA A 183 -1.27 12.54 1.09
CA ALA A 183 -1.83 13.73 1.72
C ALA A 183 -1.97 13.49 3.22
N LEU A 184 -1.50 14.44 4.02
CA LEU A 184 -1.49 14.29 5.48
C LEU A 184 -2.59 15.09 6.17
#